data_3HGP
#
_entry.id   3HGP
#
_cell.length_a   49.859
_cell.length_b   57.049
_cell.length_c   74.333
_cell.angle_alpha   90.00
_cell.angle_beta   90.00
_cell.angle_gamma   90.00
#
_symmetry.space_group_name_H-M   'P 21 21 21'
#
loop_
_entity.id
_entity.type
_entity.pdbx_description
1 polymer Elastase-1
2 non-polymer '4-[[(2S)-3-methyl-1-oxo-1-[(2S)-2-[[(3S)-1,1,1-trifluoro-4-methyl-2-oxo-pentan-3-yl]carbamoyl]pyrrolidin-1-yl]butan-2-yl]carbamoyl]benzoic acid'
3 non-polymer 'CALCIUM ION'
4 non-polymer 'SULFATE ION'
5 water water
#
_entity_poly.entity_id   1
_entity_poly.type   'polypeptide(L)'
_entity_poly.pdbx_seq_one_letter_code
;VVGGTEAQRNSWPSQISLQYRSGSSWAHTCGGTLIRQNWVMTAAHCVDRELTFRVVVGEHNLNQNDGTEQYVGVQKIVVH
PYWNTDDVAAGYDIALLRLAQSVTLNSYVQLGVLPRAGTILANNSPCYITGWGLTRTNGQLAQTLQQAYLPTVDYAICSS
SSYWGSTVKNSMVCAGGDGVRSGCQGDSGGPLHCLVNGQYAVHGVTSFVSRLGCNVTRKPTVFTRVSAYISWINNVIASN
;
_entity_poly.pdbx_strand_id   A
#
# COMPACT_ATOMS: atom_id res chain seq x y z
N VAL A 1 2.63 7.83 7.14
CA VAL A 1 4.09 7.84 6.89
C VAL A 1 4.75 8.70 7.94
N VAL A 2 5.62 8.08 8.73
CA VAL A 2 6.45 8.79 9.70
C VAL A 2 7.68 9.29 8.95
N GLY A 3 8.05 10.56 9.21
CA GLY A 3 9.22 11.08 8.56
C GLY A 3 9.02 11.33 7.08
N GLY A 4 7.79 11.64 6.67
CA GLY A 4 7.44 11.87 5.30
C GLY A 4 7.71 13.30 4.84
N THR A 5 7.59 13.49 3.54
CA THR A 5 7.53 14.80 2.93
C THR A 5 6.29 14.82 2.05
N GLU A 6 5.80 16.03 1.74
CA GLU A 6 4.55 16.10 0.94
C GLU A 6 4.88 15.71 -0.49
N ALA A 7 4.17 14.74 -1.02
CA ALA A 7 4.31 14.35 -2.42
C ALA A 7 3.75 15.44 -3.33
N GLN A 8 4.41 15.65 -4.46
CA GLN A 8 3.78 16.41 -5.54
C GLN A 8 2.53 15.67 -6.01
N ARG A 9 1.51 16.43 -6.47
CA ARG A 9 0.23 15.81 -6.76
C ARG A 9 0.24 14.87 -7.95
N ASN A 10 1.25 14.93 -8.80
CA ASN A 10 1.31 14.05 -9.96
C ASN A 10 2.48 13.05 -9.87
N SER A 11 3.12 12.91 -8.70
CA SER A 11 4.19 11.92 -8.57
C SER A 11 3.73 10.47 -8.55
N TRP A 12 2.62 10.23 -7.87
CA TRP A 12 2.20 8.88 -7.55
C TRP A 12 0.72 8.69 -7.94
N PRO A 13 0.40 8.82 -9.20
CA PRO A 13 -1.00 8.84 -9.65
C PRO A 13 -1.75 7.53 -9.49
N SER A 14 -1.08 6.43 -9.14
CA SER A 14 -1.78 5.18 -8.87
C SER A 14 -2.22 5.03 -7.42
N GLN A 15 -1.76 5.92 -6.53
CA GLN A 15 -2.20 5.87 -5.14
C GLN A 15 -3.67 6.20 -5.04
N ILE A 16 -4.42 5.42 -4.27
CA ILE A 16 -5.82 5.74 -3.97
C ILE A 16 -6.00 5.84 -2.46
N SER A 17 -7.11 6.45 -2.06
CA SER A 17 -7.57 6.43 -0.66
C SER A 17 -8.78 5.51 -0.55
N LEU A 18 -8.67 4.52 0.31
CA LEU A 18 -9.75 3.59 0.63
C LEU A 18 -10.40 4.11 1.92
N GLN A 19 -11.70 4.40 1.83
CA GLN A 19 -12.40 5.07 2.89
C GLN A 19 -13.59 4.23 3.33
N TYR A 20 -14.01 4.37 4.58
CA TYR A 20 -15.21 3.73 5.08
C TYR A 20 -16.23 4.78 5.52
N ARG A 21 -17.50 4.36 5.48
CA ARG A 21 -18.58 5.28 5.87
C ARG A 21 -18.66 5.33 7.38
N SER A 22 -18.80 6.57 7.87
CA SER A 22 -18.83 6.90 9.22
C SER A 22 -20.02 7.85 9.40
N GLY A 23 -21.19 7.36 9.81
CA GLY A 23 -22.34 8.23 9.90
C GLY A 23 -22.62 8.87 8.53
N SER A 24 -22.51 10.16 8.46
CA SER A 24 -22.72 11.19 7.48
C SER A 24 -21.49 11.48 6.63
N SER A 25 -20.46 10.71 7.03
CA SER A 25 -19.18 11.06 6.49
C SER A 25 -18.42 9.84 6.01
N TRP A 26 -17.23 10.11 5.52
CA TRP A 26 -16.31 9.06 5.06
C TRP A 26 -14.97 9.31 5.74
N ALA A 27 -14.30 8.26 6.12
CA ALA A 27 -13.00 8.32 6.80
C ALA A 27 -11.98 7.48 6.07
N HIS A 28 -10.81 8.04 5.83
CA HIS A 28 -9.70 7.25 5.26
C HIS A 28 -9.32 6.13 6.22
N THR A 29 -9.14 4.93 5.68
CA THR A 29 -8.63 3.81 6.47
C THR A 29 -7.35 3.20 5.89
N CYS A 30 -7.21 3.16 4.56
CA CYS A 30 -6.07 2.45 3.96
C CYS A 30 -5.74 3.12 2.61
N GLY A 31 -4.54 2.81 2.15
CA GLY A 31 -4.21 3.08 0.78
C GLY A 31 -4.61 1.90 -0.12
N GLY A 32 -4.30 2.11 -1.40
CA GLY A 32 -4.41 1.10 -2.44
C GLY A 32 -3.70 1.59 -3.68
N THR A 33 -3.60 0.72 -4.66
CA THR A 33 -3.00 1.03 -5.95
C THR A 33 -4.03 0.74 -7.01
N LEU A 34 -4.31 1.73 -7.87
CA LEU A 34 -5.17 1.52 -9.03
C LEU A 34 -4.41 0.65 -10.02
N ILE A 35 -4.93 -0.53 -10.37
CA ILE A 35 -4.24 -1.43 -11.31
C ILE A 35 -4.99 -1.65 -12.61
N ARG A 36 -6.28 -1.38 -12.66
CA ARG A 36 -7.06 -1.27 -13.89
C ARG A 36 -7.97 -0.08 -13.67
N GLN A 37 -8.66 0.40 -14.70
CA GLN A 37 -9.57 1.54 -14.49
C GLN A 37 -10.68 1.20 -13.53
N ASN A 38 -10.99 -0.09 -13.34
CA ASN A 38 -11.99 -0.54 -12.40
C ASN A 38 -11.49 -1.56 -11.37
N TRP A 39 -10.17 -1.60 -11.11
CA TRP A 39 -9.64 -2.51 -10.08
C TRP A 39 -8.57 -1.83 -9.25
N VAL A 40 -8.66 -2.02 -7.95
CA VAL A 40 -7.69 -1.57 -6.96
C VAL A 40 -7.07 -2.75 -6.23
N MET A 41 -5.78 -2.71 -6.01
CA MET A 41 -5.03 -3.63 -5.20
C MET A 41 -4.81 -3.01 -3.83
N THR A 42 -5.14 -3.72 -2.77
CA THR A 42 -4.96 -3.26 -1.39
C THR A 42 -4.55 -4.44 -0.54
N ALA A 43 -4.48 -4.20 0.79
CA ALA A 43 -4.19 -5.24 1.76
C ALA A 43 -5.48 -5.95 2.16
N ALA A 44 -5.42 -7.28 2.31
CA ALA A 44 -6.58 -8.00 2.84
C ALA A 44 -7.05 -7.48 4.17
N HIS A 45 -6.12 -7.12 5.08
CA HIS A 45 -6.56 -6.72 6.41
C HIS A 45 -7.35 -5.42 6.37
N CYS A 46 -7.24 -4.65 5.30
CA CYS A 46 -8.03 -3.43 5.17
C CYS A 46 -9.50 -3.68 4.98
N VAL A 47 -9.82 -4.81 4.31
CA VAL A 47 -11.20 -5.05 3.83
C VAL A 47 -11.84 -6.28 4.45
N ASP A 48 -11.15 -7.02 5.29
CA ASP A 48 -11.73 -8.20 5.95
C ASP A 48 -12.39 -7.76 7.28
N ARG A 49 -13.24 -6.79 7.20
CA ARG A 49 -13.79 -5.96 8.29
C ARG A 49 -15.24 -5.59 8.01
N GLU A 50 -16.00 -5.35 9.04
CA GLU A 50 -17.43 -4.96 8.87
C GLU A 50 -17.52 -3.44 8.64
N LEU A 51 -17.27 -3.02 7.40
CA LEU A 51 -17.30 -1.63 6.96
C LEU A 51 -17.85 -1.59 5.54
N THR A 52 -18.34 -0.41 5.15
CA THR A 52 -18.76 -0.09 3.82
C THR A 52 -17.72 0.87 3.23
N PHE A 53 -17.21 0.57 2.03
CA PHE A 53 -16.05 1.22 1.48
C PHE A 53 -16.36 2.06 0.24
N ARG A 54 -15.55 3.06 0.01
CA ARG A 54 -15.44 3.71 -1.27
C ARG A 54 -13.95 3.93 -1.57
N VAL A 55 -13.67 4.16 -2.84
CA VAL A 55 -12.32 4.51 -3.29
C VAL A 55 -12.34 5.93 -3.83
N VAL A 56 -11.26 6.67 -3.50
CA VAL A 56 -11.03 8.00 -4.07
C VAL A 56 -9.73 7.91 -4.88
N VAL A 57 -9.83 8.19 -6.16
CA VAL A 57 -8.66 8.36 -7.02
C VAL A 57 -8.48 9.85 -7.24
N GLY A 58 -7.28 10.28 -7.63
CA GLY A 58 -7.04 11.72 -7.80
C GLY A 58 -7.14 12.50 -6.49
N GLU A 59 -6.91 11.81 -5.39
CA GLU A 59 -6.95 12.36 -4.05
C GLU A 59 -5.54 12.84 -3.68
N HIS A 60 -5.45 14.09 -3.18
CA HIS A 60 -4.22 14.62 -2.62
C HIS A 60 -4.34 15.00 -1.18
N ASN A 61 -5.41 15.76 -0.85
CA ASN A 61 -5.64 16.27 0.50
C ASN A 61 -6.94 15.65 0.98
N LEU A 62 -6.88 14.85 2.03
CA LEU A 62 -8.09 14.20 2.54
C LEU A 62 -9.11 15.19 3.05
N ASN A 63 -8.68 16.39 3.43
CA ASN A 63 -9.50 17.35 4.11
C ASN A 63 -9.89 18.54 3.26
N GLN A 64 -9.58 18.56 1.99
CA GLN A 64 -9.87 19.73 1.14
C GLN A 64 -10.24 19.18 -0.24
N ASN A 65 -11.08 19.95 -0.94
CA ASN A 65 -11.38 19.67 -2.32
C ASN A 65 -10.17 19.96 -3.20
N ASP A 66 -9.60 18.95 -3.79
CA ASP A 66 -8.45 19.11 -4.68
C ASP A 66 -8.87 19.59 -6.05
N GLY A 67 -10.10 19.25 -6.47
CA GLY A 67 -10.56 19.51 -7.81
C GLY A 67 -10.07 18.47 -8.83
N THR A 68 -9.59 17.34 -8.37
CA THR A 68 -9.08 16.25 -9.19
C THR A 68 -9.64 14.89 -8.83
N GLU A 69 -10.46 14.80 -7.78
CA GLU A 69 -10.90 13.50 -7.27
C GLU A 69 -11.97 12.88 -8.16
N GLN A 70 -11.99 11.53 -8.16
CA GLN A 70 -13.14 10.77 -8.57
C GLN A 70 -13.46 9.83 -7.43
N TYR A 71 -14.72 9.83 -7.01
CA TYR A 71 -15.24 9.05 -5.90
C TYR A 71 -16.01 7.88 -6.45
N VAL A 72 -15.70 6.64 -6.07
CA VAL A 72 -16.34 5.47 -6.66
C VAL A 72 -16.59 4.39 -5.65
N GLY A 73 -17.72 3.72 -5.81
CA GLY A 73 -18.07 2.63 -4.93
C GLY A 73 -17.20 1.41 -5.15
N VAL A 74 -17.12 0.56 -4.13
CA VAL A 74 -16.50 -0.74 -4.18
C VAL A 74 -17.61 -1.76 -4.42
N GLN A 75 -17.57 -2.39 -5.56
CA GLN A 75 -18.62 -3.33 -5.99
C GLN A 75 -18.34 -4.77 -5.60
N LYS A 76 -17.08 -5.21 -5.64
CA LYS A 76 -16.75 -6.58 -5.27
C LYS A 76 -15.37 -6.56 -4.58
N ILE A 77 -15.24 -7.38 -3.59
CA ILE A 77 -13.97 -7.53 -2.83
C ILE A 77 -13.53 -8.99 -2.95
N VAL A 78 -12.30 -9.22 -3.42
CA VAL A 78 -11.73 -10.56 -3.53
C VAL A 78 -10.46 -10.57 -2.67
N VAL A 79 -10.55 -11.15 -1.48
CA VAL A 79 -9.41 -11.35 -0.59
C VAL A 79 -8.65 -12.59 -1.02
N HIS A 80 -7.31 -12.59 -0.89
CA HIS A 80 -6.57 -13.84 -1.20
C HIS A 80 -7.13 -14.97 -0.36
N PRO A 81 -7.43 -16.13 -0.95
CA PRO A 81 -8.00 -17.24 -0.18
C PRO A 81 -7.16 -17.77 0.94
N TYR A 82 -5.92 -17.60 1.05
CA TYR A 82 -5.01 -17.99 2.07
C TYR A 82 -4.76 -16.92 3.14
N TRP A 83 -5.35 -15.73 2.99
CA TRP A 83 -5.30 -14.76 4.05
C TRP A 83 -6.01 -15.28 5.29
N ASN A 84 -5.40 -15.08 6.44
CA ASN A 84 -6.00 -15.40 7.74
C ASN A 84 -6.26 -14.12 8.51
N THR A 85 -7.49 -13.93 8.92
CA THR A 85 -7.94 -12.72 9.60
C THR A 85 -7.00 -12.35 10.72
N ASP A 86 -6.64 -11.09 10.75
CA ASP A 86 -5.89 -10.50 11.88
C ASP A 86 -4.56 -11.20 12.00
N ASP A 87 -3.98 -11.72 10.91
CA ASP A 87 -2.71 -12.49 10.97
C ASP A 87 -1.73 -12.03 9.90
N VAL A 88 -1.15 -10.88 10.07
CA VAL A 88 -0.28 -10.30 9.03
C VAL A 88 0.95 -11.14 8.81
N ALA A 89 1.52 -11.77 9.86
CA ALA A 89 2.78 -12.46 9.68
C ALA A 89 2.66 -13.75 8.88
N ALA A 90 1.45 -14.27 8.77
CA ALA A 90 1.25 -15.47 7.95
C ALA A 90 1.26 -15.12 6.46
N GLY A 91 1.23 -13.85 6.08
CA GLY A 91 1.31 -13.46 4.69
C GLY A 91 -0.07 -13.50 3.99
N TYR A 92 0.01 -13.44 2.66
CA TYR A 92 -1.15 -13.40 1.81
C TYR A 92 -2.01 -12.15 2.05
N ASP A 93 -1.35 -11.06 2.47
CA ASP A 93 -2.07 -9.86 2.83
C ASP A 93 -2.29 -8.99 1.59
N ILE A 94 -3.29 -9.43 0.79
CA ILE A 94 -3.59 -8.79 -0.49
C ILE A 94 -5.04 -9.06 -0.81
N ALA A 95 -5.65 -8.07 -1.44
CA ALA A 95 -7.06 -8.13 -1.88
C ALA A 95 -7.21 -7.27 -3.10
N LEU A 96 -8.17 -7.62 -3.96
CA LEU A 96 -8.53 -6.80 -5.10
C LEU A 96 -9.95 -6.32 -4.93
N LEU A 97 -10.15 -5.06 -5.35
CA LEU A 97 -11.46 -4.40 -5.28
C LEU A 97 -11.91 -4.06 -6.69
N ARG A 98 -13.05 -4.56 -7.11
CA ARG A 98 -13.64 -4.15 -8.37
C ARG A 98 -14.49 -2.93 -8.07
N LEU A 99 -14.22 -1.84 -8.78
CA LEU A 99 -14.89 -0.57 -8.60
C LEU A 99 -16.25 -0.60 -9.33
N ALA A 100 -17.18 0.21 -8.82
CA ALA A 100 -18.52 0.26 -9.39
C ALA A 100 -18.52 0.96 -10.76
N GLN A 101 -17.52 1.75 -11.06
CA GLN A 101 -17.32 2.42 -12.34
C GLN A 101 -15.85 2.33 -12.70
N SER A 102 -15.54 2.54 -13.96
CA SER A 102 -14.19 2.73 -14.43
C SER A 102 -13.84 4.20 -14.33
N VAL A 103 -12.75 4.52 -13.63
CA VAL A 103 -12.30 5.86 -13.53
C VAL A 103 -11.61 6.31 -14.82
N THR A 104 -11.61 7.56 -15.17
CA THR A 104 -10.88 8.18 -16.22
C THR A 104 -9.45 8.50 -15.73
N LEU A 105 -8.53 8.37 -16.67
CA LEU A 105 -7.10 8.54 -16.39
C LEU A 105 -6.66 9.97 -16.75
N ASN A 106 -5.64 10.46 -16.03
CA ASN A 106 -5.09 11.80 -16.23
C ASN A 106 -3.82 11.88 -15.42
N SER A 107 -3.19 13.06 -15.28
CA SER A 107 -1.90 13.08 -14.58
C SER A 107 -2.02 12.76 -13.09
N TYR A 108 -3.22 12.76 -12.53
CA TYR A 108 -3.45 12.41 -11.16
C TYR A 108 -3.97 11.00 -10.96
N VAL A 109 -4.31 10.32 -12.04
CA VAL A 109 -4.99 9.02 -11.99
C VAL A 109 -4.39 8.15 -13.09
N GLN A 110 -3.54 7.20 -12.72
CA GLN A 110 -2.88 6.30 -13.66
C GLN A 110 -2.83 4.92 -13.05
N LEU A 111 -2.72 3.92 -13.91
CA LEU A 111 -2.51 2.57 -13.44
C LEU A 111 -1.10 2.43 -12.85
N GLY A 112 -0.99 1.71 -11.76
CA GLY A 112 0.29 1.36 -11.21
C GLY A 112 0.97 0.33 -12.11
N VAL A 113 2.25 0.55 -12.37
CA VAL A 113 3.08 -0.40 -13.09
C VAL A 113 3.44 -1.51 -12.10
N LEU A 114 3.18 -2.78 -12.44
CA LEU A 114 3.53 -3.87 -11.58
C LEU A 114 4.78 -4.55 -12.13
N PRO A 115 5.60 -5.16 -11.22
CA PRO A 115 6.80 -5.84 -11.67
C PRO A 115 6.43 -7.14 -12.36
N ARG A 116 7.34 -7.62 -13.19
CA ARG A 116 7.19 -8.97 -13.76
C ARG A 116 7.23 -9.98 -12.63
N ALA A 117 6.48 -11.06 -12.82
CA ALA A 117 6.42 -12.15 -11.87
C ALA A 117 7.80 -12.59 -11.46
N GLY A 118 8.04 -12.79 -10.17
CA GLY A 118 9.26 -13.30 -9.65
C GLY A 118 10.35 -12.30 -9.39
N THR A 119 10.15 -11.04 -9.78
CA THR A 119 11.19 -10.04 -9.65
C THR A 119 11.49 -9.77 -8.19
N ILE A 120 12.76 -9.79 -7.81
CA ILE A 120 13.22 -9.50 -6.48
C ILE A 120 14.19 -8.35 -6.57
N LEU A 121 14.07 -7.37 -5.70
CA LEU A 121 14.96 -6.23 -5.63
C LEU A 121 16.26 -6.55 -4.93
N ALA A 122 17.38 -6.05 -5.45
CA ALA A 122 18.65 -6.11 -4.76
C ALA A 122 18.51 -5.37 -3.41
N ASN A 123 19.31 -5.80 -2.41
CA ASN A 123 19.32 -5.10 -1.17
C ASN A 123 19.59 -3.60 -1.37
N ASN A 124 18.97 -2.79 -0.56
CA ASN A 124 19.18 -1.33 -0.54
C ASN A 124 18.65 -0.69 -1.83
N SER A 125 17.66 -1.27 -2.47
CA SER A 125 17.12 -0.68 -3.67
C SER A 125 16.25 0.56 -3.33
N PRO A 126 16.22 1.54 -4.22
CA PRO A 126 15.49 2.79 -3.96
C PRO A 126 13.99 2.63 -4.12
N CYS A 127 13.25 2.94 -3.05
CA CYS A 127 11.82 2.87 -3.05
C CYS A 127 11.25 4.04 -2.23
N TYR A 128 10.02 4.42 -2.55
CA TYR A 128 9.23 5.30 -1.72
C TYR A 128 7.94 4.62 -1.30
N ILE A 129 7.64 4.72 0.01
CA ILE A 129 6.29 4.46 0.49
C ILE A 129 5.47 5.75 0.33
N THR A 130 4.20 5.64 -0.01
CA THR A 130 3.31 6.78 -0.04
C THR A 130 2.06 6.48 0.76
N GLY A 131 1.46 7.53 1.31
CA GLY A 131 0.17 7.33 1.97
C GLY A 131 -0.18 8.50 2.87
N TRP A 132 -1.39 8.39 3.43
CA TRP A 132 -1.94 9.33 4.37
C TRP A 132 -1.91 8.83 5.82
N GLY A 133 -1.22 7.72 6.07
CA GLY A 133 -1.18 7.17 7.41
C GLY A 133 -0.54 8.11 8.44
N LEU A 134 -0.61 7.62 9.68
CA LEU A 134 -0.13 8.43 10.79
C LEU A 134 1.27 8.95 10.52
N THR A 135 1.49 10.20 10.94
CA THR A 135 2.79 10.81 10.76
C THR A 135 3.72 10.63 11.93
N ARG A 136 3.21 10.05 13.01
CA ARG A 136 4.00 9.63 14.17
C ARG A 136 3.29 8.40 14.72
N THR A 137 4.02 7.52 15.40
CA THR A 137 3.40 6.47 16.15
C THR A 137 2.40 7.10 17.11
N ASN A 138 1.20 6.59 17.19
CA ASN A 138 0.14 7.11 18.04
C ASN A 138 -0.21 8.57 17.70
N GLY A 139 0.02 8.94 16.44
CA GLY A 139 -0.28 10.30 15.94
C GLY A 139 -1.59 10.34 15.15
N GLN A 140 -1.60 11.17 14.14
CA GLN A 140 -2.80 11.37 13.31
C GLN A 140 -2.41 11.21 11.84
N LEU A 141 -3.47 10.95 11.06
CA LEU A 141 -3.32 10.87 9.60
C LEU A 141 -2.74 12.18 9.08
N ALA A 142 -2.01 12.07 7.99
CA ALA A 142 -1.66 13.24 7.22
C ALA A 142 -2.89 13.80 6.51
N GLN A 143 -2.87 15.10 6.27
CA GLN A 143 -3.85 15.71 5.37
C GLN A 143 -3.43 15.51 3.91
N THR A 144 -2.18 15.87 3.59
CA THR A 144 -1.68 15.75 2.24
C THR A 144 -0.87 14.47 2.07
N LEU A 145 -0.91 13.89 0.88
CA LEU A 145 -0.22 12.65 0.62
C LEU A 145 1.26 12.79 0.94
N GLN A 146 1.78 11.85 1.72
CA GLN A 146 3.18 11.85 2.12
C GLN A 146 3.95 10.76 1.37
N GLN A 147 5.26 11.00 1.24
CA GLN A 147 6.20 10.02 0.71
C GLN A 147 7.39 9.91 1.63
N ALA A 148 7.99 8.74 1.69
CA ALA A 148 9.26 8.56 2.40
C ALA A 148 10.12 7.55 1.67
N TYR A 149 11.40 7.83 1.57
CA TYR A 149 12.40 6.95 0.96
C TYR A 149 12.74 5.84 1.94
N LEU A 150 12.42 4.61 1.53
CA LEU A 150 12.63 3.40 2.33
C LEU A 150 13.45 2.43 1.45
N PRO A 151 14.76 2.38 1.62
CA PRO A 151 15.53 1.40 0.81
C PRO A 151 15.17 0.00 1.24
N THR A 152 15.20 -0.92 0.27
CA THR A 152 14.84 -2.29 0.61
C THR A 152 15.88 -2.92 1.54
N VAL A 153 15.42 -3.89 2.29
CA VAL A 153 16.22 -4.78 3.11
C VAL A 153 15.93 -6.18 2.58
N ASP A 154 16.93 -6.83 1.99
CA ASP A 154 16.65 -8.10 1.32
C ASP A 154 16.22 -9.17 2.31
N TYR A 155 15.72 -10.27 1.76
CA TYR A 155 15.14 -11.32 2.59
C TYR A 155 16.16 -11.90 3.57
N ALA A 156 17.38 -12.13 3.05
CA ALA A 156 18.43 -12.65 3.93
C ALA A 156 18.70 -11.79 5.17
N ILE A 157 18.77 -10.49 4.96
CA ILE A 157 18.98 -9.60 6.10
C ILE A 157 17.72 -9.42 6.91
N CYS A 158 16.58 -9.25 6.21
CA CYS A 158 15.35 -8.97 6.92
C CYS A 158 14.90 -10.11 7.81
N SER A 159 15.16 -11.35 7.36
CA SER A 159 14.73 -12.55 8.16
C SER A 159 15.81 -12.97 9.15
N SER A 160 16.88 -12.23 9.27
CA SER A 160 17.92 -12.47 10.29
C SER A 160 17.42 -11.99 11.64
N SER A 161 18.03 -12.54 12.70
CA SER A 161 17.51 -12.35 14.05
C SER A 161 17.59 -10.90 14.49
N SER A 162 18.51 -10.10 13.99
CA SER A 162 18.62 -8.67 14.32
C SER A 162 17.51 -7.82 13.69
N TYR A 163 16.84 -8.36 12.69
CA TYR A 163 15.76 -7.67 12.00
C TYR A 163 14.45 -8.37 12.38
N TRP A 164 13.76 -8.94 11.43
CA TRP A 164 12.42 -9.54 11.71
C TRP A 164 12.44 -11.04 11.97
N GLY A 165 13.59 -11.70 11.85
CA GLY A 165 13.56 -13.14 12.08
C GLY A 165 12.59 -13.88 11.22
N SER A 166 11.97 -14.90 11.77
CA SER A 166 11.03 -15.73 11.04
C SER A 166 9.69 -15.10 10.76
N THR A 167 9.44 -13.91 11.29
CA THR A 167 8.22 -13.22 10.95
C THR A 167 8.09 -12.94 9.49
N VAL A 168 9.22 -12.58 8.84
CA VAL A 168 9.20 -12.21 7.44
C VAL A 168 9.37 -13.45 6.57
N LYS A 169 8.56 -13.50 5.52
CA LYS A 169 8.56 -14.53 4.52
C LYS A 169 9.08 -14.00 3.20
N ASN A 170 9.46 -14.92 2.31
CA ASN A 170 9.95 -14.52 1.01
C ASN A 170 8.87 -13.93 0.11
N SER A 171 7.59 -14.07 0.49
CA SER A 171 6.49 -13.42 -0.20
C SER A 171 6.24 -11.97 0.26
N MET A 172 7.16 -11.45 1.08
CA MET A 172 7.12 -10.10 1.59
C MET A 172 8.35 -9.33 1.11
N VAL A 173 8.22 -8.00 1.08
CA VAL A 173 9.32 -7.09 0.90
C VAL A 173 9.48 -6.29 2.20
N CYS A 174 10.73 -6.15 2.65
CA CYS A 174 11.05 -5.24 3.75
C CYS A 174 11.65 -3.98 3.19
N ALA A 175 11.29 -2.81 3.74
CA ALA A 175 11.94 -1.57 3.31
C ALA A 175 11.98 -0.63 4.49
N GLY A 176 13.12 0.06 4.59
CA GLY A 176 13.29 1.07 5.64
C GLY A 176 14.00 0.53 6.83
N GLY A 177 13.42 0.79 8.02
CA GLY A 177 14.05 0.43 9.27
C GLY A 177 15.13 1.36 9.78
N ASP A 178 15.17 2.60 9.29
CA ASP A 178 16.18 3.55 9.79
C ASP A 178 15.83 4.17 11.14
N GLY A 179 14.65 3.91 11.68
CA GLY A 179 14.22 4.53 12.91
C GLY A 179 13.56 5.86 12.81
N VAL A 180 13.54 6.42 11.62
CA VAL A 180 13.05 7.80 11.36
C VAL A 180 11.83 7.74 10.44
N ARG A 181 11.90 6.92 9.38
CA ARG A 181 10.91 6.87 8.33
C ARG A 181 10.25 5.50 8.29
N SER A 182 8.94 5.46 8.08
CA SER A 182 8.23 4.21 8.03
C SER A 182 6.80 4.42 7.57
N GLY A 183 6.13 3.31 7.24
CA GLY A 183 4.68 3.33 7.21
C GLY A 183 4.12 3.43 8.63
N CYS A 184 2.84 3.77 8.71
CA CYS A 184 2.13 3.82 9.97
C CYS A 184 0.64 3.73 9.69
N GLN A 185 -0.21 3.61 10.70
CA GLN A 185 -1.59 3.22 10.47
C GLN A 185 -2.30 4.19 9.51
N GLY A 186 -2.91 3.60 8.49
CA GLY A 186 -3.53 4.29 7.41
C GLY A 186 -2.77 4.22 6.11
N ASP A 187 -1.48 3.79 6.15
CA ASP A 187 -0.70 3.52 4.95
C ASP A 187 -0.95 2.11 4.37
N SER A 188 -1.39 1.21 5.23
CA SER A 188 -1.74 -0.15 4.90
C SER A 188 -2.45 -0.20 3.57
N GLY A 189 -2.06 -1.18 2.72
CA GLY A 189 -2.71 -1.40 1.47
C GLY A 189 -2.17 -0.58 0.33
N GLY A 190 -1.44 0.50 0.62
CA GLY A 190 -0.90 1.34 -0.42
C GLY A 190 0.36 0.77 -1.04
N PRO A 191 0.87 1.53 -2.02
CA PRO A 191 2.05 1.08 -2.77
C PRO A 191 3.36 1.38 -2.06
N LEU A 192 4.32 0.52 -2.39
CA LEU A 192 5.76 0.77 -2.28
C LEU A 192 6.28 0.85 -3.72
N HIS A 193 6.73 2.04 -4.12
CA HIS A 193 7.16 2.29 -5.50
C HIS A 193 8.67 2.22 -5.54
N CYS A 194 9.22 1.34 -6.41
CA CYS A 194 10.67 1.15 -6.45
C CYS A 194 11.16 1.40 -7.85
N LEU A 195 12.29 2.10 -7.94
CA LEU A 195 12.87 2.53 -9.20
C LEU A 195 13.85 1.48 -9.69
N VAL A 196 13.55 0.85 -10.84
CA VAL A 196 14.36 -0.21 -11.42
C VAL A 196 14.48 0.07 -12.88
N ASN A 197 15.66 0.14 -13.45
CA ASN A 197 15.87 0.33 -14.88
C ASN A 197 15.07 1.56 -15.36
N GLY A 198 15.13 2.61 -14.56
CA GLY A 198 14.55 3.92 -14.90
C GLY A 198 13.07 4.11 -14.69
N GLN A 199 12.36 3.06 -14.29
CA GLN A 199 10.93 3.09 -14.13
C GLN A 199 10.53 2.73 -12.71
N TYR A 200 9.61 3.47 -12.14
CA TYR A 200 9.00 3.09 -10.86
C TYR A 200 7.93 2.03 -11.12
N ALA A 201 7.93 0.99 -10.28
CA ALA A 201 6.90 0.00 -10.29
C ALA A 201 6.47 -0.25 -8.84
N VAL A 202 5.28 -0.73 -8.67
CA VAL A 202 4.73 -1.01 -7.34
C VAL A 202 5.08 -2.41 -6.95
N HIS A 203 6.18 -2.51 -6.14
CA HIS A 203 6.71 -3.78 -5.67
C HIS A 203 6.07 -4.27 -4.38
N GLY A 204 5.44 -3.38 -3.61
CA GLY A 204 4.89 -3.77 -2.34
C GLY A 204 3.49 -3.25 -2.12
N VAL A 205 2.75 -3.99 -1.28
CA VAL A 205 1.48 -3.57 -0.68
C VAL A 205 1.72 -3.41 0.81
N THR A 206 1.59 -2.22 1.37
CA THR A 206 1.98 -2.01 2.76
C THR A 206 1.18 -2.90 3.69
N SER A 207 1.85 -3.61 4.58
CA SER A 207 1.19 -4.58 5.44
C SER A 207 1.33 -4.28 6.93
N PHE A 208 2.54 -4.30 7.50
CA PHE A 208 2.63 -4.19 8.97
C PHE A 208 3.98 -3.60 9.40
N VAL A 209 3.95 -3.27 10.72
CA VAL A 209 5.07 -2.71 11.43
C VAL A 209 5.23 -3.47 12.77
N SER A 210 6.31 -3.08 13.48
CA SER A 210 6.67 -3.62 14.77
C SER A 210 5.64 -3.36 15.84
N ARG A 211 5.63 -4.30 16.81
CA ARG A 211 4.88 -4.10 18.03
C ARG A 211 5.46 -2.98 18.87
N LEU A 212 6.65 -2.49 18.60
CA LEU A 212 7.28 -1.40 19.38
C LEU A 212 6.99 -0.04 18.82
N GLY A 213 6.46 0.10 17.62
CA GLY A 213 6.15 1.37 17.03
C GLY A 213 6.23 1.27 15.50
N CYS A 214 5.85 2.39 14.85
CA CYS A 214 5.93 2.45 13.39
C CYS A 214 7.37 2.53 12.95
N ASN A 215 8.08 3.55 13.37
CA ASN A 215 9.48 3.83 12.99
C ASN A 215 10.38 3.26 14.06
N VAL A 216 10.95 2.10 13.81
CA VAL A 216 11.76 1.35 14.77
C VAL A 216 12.99 0.86 14.04
N THR A 217 14.17 1.16 14.57
CA THR A 217 15.40 0.78 13.91
C THR A 217 15.48 -0.73 13.79
N ARG A 218 15.86 -1.19 12.59
CA ARG A 218 15.98 -2.61 12.27
C ARG A 218 14.66 -3.35 12.32
N LYS A 219 13.54 -2.60 12.24
CA LYS A 219 12.22 -3.20 12.02
C LYS A 219 11.63 -2.44 10.81
N PRO A 220 12.14 -2.74 9.62
CA PRO A 220 11.62 -2.13 8.40
C PRO A 220 10.12 -2.36 8.28
N THR A 221 9.47 -1.42 7.58
CA THR A 221 8.09 -1.65 7.21
C THR A 221 8.00 -2.91 6.34
N VAL A 222 6.95 -3.69 6.52
CA VAL A 222 6.81 -4.91 5.76
C VAL A 222 5.62 -4.82 4.85
N PHE A 223 5.84 -5.31 3.64
CA PHE A 223 4.92 -5.21 2.53
C PHE A 223 4.69 -6.58 1.91
N THR A 224 3.50 -6.81 1.38
CA THR A 224 3.29 -7.97 0.53
C THR A 224 4.07 -7.77 -0.78
N ARG A 225 4.80 -8.81 -1.22
CA ARG A 225 5.58 -8.70 -2.46
C ARG A 225 4.68 -8.91 -3.66
N VAL A 226 4.40 -7.84 -4.37
CA VAL A 226 3.48 -7.87 -5.51
C VAL A 226 3.89 -8.92 -6.51
N SER A 227 5.21 -9.03 -6.80
CA SER A 227 5.67 -9.93 -7.85
C SER A 227 5.44 -11.40 -7.53
N ALA A 228 5.08 -11.74 -6.31
CA ALA A 228 4.71 -13.11 -5.94
C ALA A 228 3.27 -13.43 -6.31
N TYR A 229 2.47 -12.41 -6.67
CA TYR A 229 1.03 -12.54 -6.82
C TYR A 229 0.53 -12.19 -8.19
N ILE A 230 1.42 -12.08 -9.18
CA ILE A 230 0.97 -11.65 -10.52
C ILE A 230 -0.08 -12.60 -11.10
N SER A 231 0.17 -13.92 -11.01
CA SER A 231 -0.80 -14.88 -11.54
C SER A 231 -2.12 -14.80 -10.81
N TRP A 232 -2.08 -14.66 -9.49
CA TRP A 232 -3.29 -14.51 -8.69
C TRP A 232 -4.10 -13.32 -9.13
N ILE A 233 -3.41 -12.17 -9.24
CA ILE A 233 -4.07 -10.94 -9.68
C ILE A 233 -4.75 -11.14 -11.03
N ASN A 234 -3.98 -11.65 -11.98
CA ASN A 234 -4.52 -11.83 -13.32
C ASN A 234 -5.70 -12.80 -13.31
N ASN A 235 -5.65 -13.87 -12.52
CA ASN A 235 -6.75 -14.81 -12.46
C ASN A 235 -7.98 -14.19 -11.88
N VAL A 236 -7.83 -13.36 -10.81
CA VAL A 236 -8.98 -12.71 -10.27
C VAL A 236 -9.64 -11.76 -11.26
N ILE A 237 -8.84 -10.96 -11.93
CA ILE A 237 -9.39 -10.00 -12.87
C ILE A 237 -10.13 -10.75 -14.00
N ALA A 238 -9.50 -11.81 -14.51
CA ALA A 238 -10.08 -12.53 -15.63
C ALA A 238 -11.35 -13.24 -15.25
N SER A 239 -11.54 -13.61 -13.98
CA SER A 239 -12.69 -14.36 -13.54
C SER A 239 -13.83 -13.42 -13.05
N ASN A 240 -13.60 -12.10 -13.03
CA ASN A 240 -14.57 -11.15 -12.46
C ASN A 240 -14.84 -9.96 -13.40
#